data_1QD6
#
_entry.id   1QD6
#
_cell.length_a   80.067
_cell.length_b   84.038
_cell.length_c   95.245
_cell.angle_alpha   90.00
_cell.angle_beta   90.00
_cell.angle_gamma   90.00
#
_symmetry.space_group_name_H-M   'P 21 21 21'
#
loop_
_entity.id
_entity.type
_entity.pdbx_description
1 polymer 'OUTER MEMBRANE PHOSPHOLIPASE (OMPLA)'
2 polymer 'PROTEIN (OUTER MEMBRANE PHOSPHOLIPASE (OMPLA))'
3 non-polymer 'CALCIUM ION'
4 non-polymer '1-HEXADECANOSULFONIC ACID'
5 water water
#
loop_
_entity_poly.entity_id
_entity_poly.type
_entity_poly.pdbx_seq_one_letter_code
_entity_poly.pdbx_strand_id
1 'polypeptide(L)' AVRGSIIANMLQE A,B
2 'polypeptide(L)'
;FTLYPYDTNYLIYTQTSDLNKEAIASYDWAENARKDEVKFQLSLAFPLWRGILGPNSVLGASYTQKSWWQLSNSEESSPF
RETNYEPQLFLGFATDYRFAGWTLRDVEMGYNHDSNGRSDPTSRSWNRLYTRLMAENGNWLVEVKPWYVVGNTDDNPDIT
KYMGYYQLKIGYHLGDAVLSAKGQYNWNTGYGGAELGLSYPITKHVRLYTQVYSGYGESLIDYNFNQTRVGVGVMLNDLF
;
C,D
#
# COMPACT_ATOMS: atom_id res chain seq x y z
N ALA A 1 -22.28 12.52 1.64
CA ALA A 1 -23.30 12.26 0.57
C ALA A 1 -22.68 12.32 -0.83
N VAL A 2 -23.30 11.62 -1.76
CA VAL A 2 -22.87 11.43 -3.16
C VAL A 2 -22.14 10.11 -3.37
N ARG A 3 -22.54 9.39 -4.42
CA ARG A 3 -22.05 8.06 -4.70
C ARG A 3 -20.96 8.09 -5.78
N GLY A 4 -19.73 7.78 -5.39
CA GLY A 4 -18.61 7.77 -6.34
C GLY A 4 -17.67 8.96 -6.24
N SER A 5 -18.12 10.03 -5.57
CA SER A 5 -17.31 11.23 -5.43
C SER A 5 -16.18 11.07 -4.43
N ILE A 6 -14.97 11.02 -4.96
CA ILE A 6 -13.76 10.97 -4.13
C ILE A 6 -13.64 12.25 -3.30
N ILE A 7 -13.83 13.40 -3.95
CA ILE A 7 -13.68 14.67 -3.26
C ILE A 7 -14.72 14.90 -2.15
N ALA A 8 -15.99 14.60 -2.45
CA ALA A 8 -17.05 14.76 -1.47
C ALA A 8 -16.76 13.92 -0.25
N ASN A 9 -16.20 12.74 -0.47
CA ASN A 9 -15.85 11.85 0.64
C ASN A 9 -14.73 12.47 1.48
N MET A 10 -13.71 13.01 0.81
CA MET A 10 -12.60 13.67 1.49
C MET A 10 -13.03 14.88 2.33
N LEU A 11 -14.06 15.58 1.87
CA LEU A 11 -14.59 16.74 2.59
C LEU A 11 -15.29 16.33 3.88
N GLN A 12 -15.73 15.07 3.94
CA GLN A 12 -16.45 14.54 5.09
C GLN A 12 -15.51 14.29 6.28
N GLU A 13 -16.09 14.19 7.47
CA GLU A 13 -15.35 13.81 8.67
C GLU A 13 -16.23 13.26 9.79
N ALA B 1 -15.91 3.44 19.73
CA ALA B 1 -15.41 3.97 21.02
C ALA B 1 -14.19 3.18 21.48
N VAL B 2 -13.08 3.90 21.67
CA VAL B 2 -11.80 3.36 22.13
C VAL B 2 -10.68 4.20 21.52
N ARG B 3 -9.48 4.08 22.07
CA ARG B 3 -8.33 4.81 21.54
C ARG B 3 -7.14 3.86 21.41
N GLY B 4 -6.89 3.40 20.18
CA GLY B 4 -5.81 2.46 19.94
C GLY B 4 -6.26 1.06 19.60
N SER B 5 -7.52 0.74 19.90
CA SER B 5 -8.05 -0.57 19.60
C SER B 5 -8.33 -0.79 18.12
N ILE B 6 -7.47 -1.59 17.49
CA ILE B 6 -7.64 -1.96 16.10
C ILE B 6 -8.93 -2.75 15.92
N ILE B 7 -9.18 -3.69 16.82
CA ILE B 7 -10.35 -4.56 16.72
C ILE B 7 -11.65 -3.79 16.92
N ALA B 8 -11.71 -2.97 17.98
CA ALA B 8 -12.91 -2.18 18.26
C ALA B 8 -13.27 -1.31 17.07
N ASN B 9 -12.25 -0.78 16.40
CA ASN B 9 -12.45 0.05 15.21
C ASN B 9 -13.01 -0.80 14.07
N MET B 10 -12.42 -1.97 13.88
CA MET B 10 -12.88 -2.91 12.87
C MET B 10 -14.34 -3.36 13.02
N LEU B 11 -14.83 -3.37 14.25
CA LEU B 11 -16.21 -3.77 14.53
C LEU B 11 -17.20 -2.67 14.14
N GLN B 12 -16.71 -1.44 14.05
CA GLN B 12 -17.50 -0.28 13.67
C GLN B 12 -17.96 -0.37 12.22
N GLU B 13 -19.26 -0.26 12.01
CA GLU B 13 -19.85 -0.35 10.68
C GLU B 13 -19.42 0.81 9.80
N PHE C 1 -14.44 6.36 11.37
CA PHE C 1 -13.77 6.18 10.05
C PHE C 1 -12.39 6.85 10.07
N THR C 2 -11.38 6.14 9.56
CA THR C 2 -10.01 6.60 9.69
C THR C 2 -9.25 6.94 8.40
N LEU C 3 -9.24 6.01 7.43
CA LEU C 3 -8.51 6.23 6.17
C LEU C 3 -9.44 6.34 4.98
N TYR C 4 -9.07 7.18 4.01
CA TYR C 4 -9.85 7.45 2.80
C TYR C 4 -9.31 6.74 1.58
N PRO C 5 -10.19 6.14 0.76
CA PRO C 5 -9.72 5.51 -0.48
C PRO C 5 -9.73 6.51 -1.64
N TYR C 6 -8.84 6.32 -2.60
CA TYR C 6 -8.86 7.16 -3.80
C TYR C 6 -9.48 6.30 -4.89
N ASP C 7 -8.66 5.47 -5.51
CA ASP C 7 -9.08 4.55 -6.55
C ASP C 7 -9.59 3.28 -5.86
N THR C 8 -9.72 2.18 -6.62
CA THR C 8 -10.23 0.93 -6.07
C THR C 8 -9.13 0.20 -5.32
N ASN C 9 -9.55 -0.65 -4.38
CA ASN C 9 -8.64 -1.50 -3.63
C ASN C 9 -9.06 -2.94 -3.85
N TYR C 10 -8.16 -3.74 -4.43
CA TYR C 10 -8.50 -5.11 -4.75
C TYR C 10 -7.30 -6.06 -4.75
N LEU C 11 -7.60 -7.36 -4.67
CA LEU C 11 -6.61 -8.42 -4.74
C LEU C 11 -7.25 -9.52 -5.62
N ILE C 12 -6.64 -9.78 -6.77
CA ILE C 12 -7.17 -10.83 -7.65
C ILE C 12 -6.07 -11.80 -8.08
N TYR C 13 -6.49 -12.99 -8.54
CA TYR C 13 -5.56 -13.96 -9.10
C TYR C 13 -5.77 -13.93 -10.61
N THR C 14 -4.68 -13.83 -11.35
CA THR C 14 -4.77 -13.60 -12.79
C THR C 14 -3.97 -14.57 -13.65
N GLN C 15 -4.28 -14.53 -14.94
CA GLN C 15 -3.58 -15.29 -15.97
C GLN C 15 -3.46 -14.39 -17.20
N THR C 16 -2.24 -14.08 -17.61
CA THR C 16 -2.03 -13.26 -18.79
C THR C 16 -1.84 -14.15 -20.03
N SER C 17 -2.16 -13.60 -21.19
CA SER C 17 -2.01 -14.32 -22.46
C SER C 17 -0.53 -14.58 -22.76
N ASP C 18 0.31 -13.60 -22.46
CA ASP C 18 1.74 -13.72 -22.71
C ASP C 18 2.49 -12.82 -21.74
N LEU C 19 3.57 -13.34 -21.17
CA LEU C 19 4.36 -12.57 -20.24
C LEU C 19 5.55 -11.96 -20.96
N ASN C 20 5.77 -10.67 -20.70
CA ASN C 20 6.81 -9.88 -21.34
C ASN C 20 8.20 -10.17 -20.78
N LYS C 21 8.77 -11.32 -21.12
CA LYS C 21 10.08 -11.71 -20.61
C LYS C 21 11.21 -10.84 -21.16
N GLU C 22 11.01 -10.33 -22.38
CA GLU C 22 12.02 -9.49 -23.03
C GLU C 22 12.41 -8.29 -22.17
N ALA C 23 11.41 -7.50 -21.78
CA ALA C 23 11.64 -6.25 -21.05
C ALA C 23 12.36 -6.49 -19.74
N ILE C 24 12.19 -7.70 -19.22
CA ILE C 24 12.66 -8.07 -17.89
C ILE C 24 13.79 -9.13 -17.97
N ALA C 25 14.47 -9.18 -19.11
CA ALA C 25 15.55 -10.15 -19.31
C ALA C 25 16.68 -9.98 -18.30
N SER C 26 16.81 -8.78 -17.74
CA SER C 26 17.83 -8.45 -16.74
C SER C 26 17.73 -9.25 -15.46
N TYR C 27 16.50 -9.62 -15.07
CA TYR C 27 16.31 -10.43 -13.88
C TYR C 27 16.64 -11.88 -14.23
N ASP C 28 17.43 -12.53 -13.38
CA ASP C 28 17.92 -13.88 -13.64
C ASP C 28 16.80 -14.90 -13.78
N TRP C 29 15.73 -14.71 -13.01
CA TRP C 29 14.61 -15.63 -12.97
C TRP C 29 13.62 -15.43 -14.12
N ALA C 30 13.83 -14.38 -14.92
CA ALA C 30 12.88 -14.00 -15.99
C ALA C 30 12.61 -15.10 -17.01
N GLU C 31 13.65 -15.84 -17.38
CA GLU C 31 13.52 -16.95 -18.33
C GLU C 31 12.51 -18.00 -17.88
N ASN C 32 12.27 -18.07 -16.57
CA ASN C 32 11.32 -19.03 -16.01
C ASN C 32 10.05 -18.37 -15.48
N ALA C 33 9.79 -17.15 -15.93
CA ALA C 33 8.58 -16.41 -15.54
C ALA C 33 7.30 -17.14 -15.97
N ARG C 34 6.29 -17.15 -15.11
CA ARG C 34 5.02 -17.81 -15.40
C ARG C 34 3.93 -16.82 -15.78
N LYS C 35 2.87 -17.30 -16.42
CA LYS C 35 1.79 -16.44 -16.90
C LYS C 35 0.75 -16.12 -15.83
N ASP C 36 0.73 -16.90 -14.74
CA ASP C 36 -0.21 -16.65 -13.66
C ASP C 36 0.39 -15.83 -12.51
N GLU C 37 -0.31 -14.77 -12.14
CA GLU C 37 0.19 -13.83 -11.17
C GLU C 37 -0.90 -13.30 -10.27
N VAL C 38 -0.53 -12.95 -9.03
CA VAL C 38 -1.42 -12.20 -8.15
C VAL C 38 -1.27 -10.72 -8.51
N LYS C 39 -2.41 -10.07 -8.75
CA LYS C 39 -2.41 -8.65 -9.01
C LYS C 39 -3.21 -7.98 -7.89
N PHE C 40 -2.66 -6.90 -7.35
CA PHE C 40 -3.38 -6.15 -6.35
C PHE C 40 -3.07 -4.67 -6.45
N GLN C 41 -4.06 -3.88 -6.03
CA GLN C 41 -3.96 -2.44 -6.06
C GLN C 41 -4.39 -1.92 -4.71
N LEU C 42 -3.61 -0.96 -4.21
CA LEU C 42 -3.92 -0.23 -3.00
C LEU C 42 -4.00 1.22 -3.45
N SER C 43 -5.03 1.91 -3.01
CA SER C 43 -5.21 3.32 -3.39
C SER C 43 -5.79 4.14 -2.25
N LEU C 44 -5.00 5.07 -1.73
CA LEU C 44 -5.45 5.92 -0.62
C LEU C 44 -5.48 7.39 -1.00
N ALA C 45 -6.38 8.13 -0.36
CA ALA C 45 -6.45 9.57 -0.56
C ALA C 45 -6.18 10.20 0.80
N PHE C 46 -5.44 11.31 0.79
CA PHE C 46 -5.09 11.99 2.02
C PHE C 46 -5.45 13.48 1.97
N PRO C 47 -6.59 13.86 2.57
CA PRO C 47 -6.91 15.29 2.63
C PRO C 47 -5.89 16.03 3.49
N LEU C 48 -5.34 17.12 2.94
CA LEU C 48 -4.32 17.86 3.65
C LEU C 48 -4.86 19.22 4.09
N TRP C 49 -5.70 19.81 3.25
CA TRP C 49 -6.26 21.14 3.55
C TRP C 49 -7.66 21.30 2.98
N ARG C 50 -8.65 21.07 3.83
CA ARG C 50 -10.04 21.32 3.48
C ARG C 50 -10.34 22.81 3.57
N GLY C 51 -11.01 23.32 2.53
CA GLY C 51 -11.39 24.72 2.52
C GLY C 51 -10.33 25.68 1.99
N ILE C 52 -9.28 25.15 1.37
CA ILE C 52 -8.20 25.99 0.86
C ILE C 52 -8.70 27.06 -0.13
N LEU C 53 -9.60 26.68 -1.04
CA LEU C 53 -10.17 27.60 -2.02
C LEU C 53 -11.69 27.59 -1.98
N GLY C 54 -12.24 27.58 -0.76
CA GLY C 54 -13.68 27.55 -0.62
C GLY C 54 -14.14 26.39 0.27
N PRO C 55 -15.42 26.39 0.67
CA PRO C 55 -16.08 25.42 1.54
C PRO C 55 -16.10 23.99 0.95
N ASN C 56 -16.02 23.88 -0.38
CA ASN C 56 -16.02 22.57 -1.02
C ASN C 56 -14.80 22.26 -1.87
N SER C 57 -13.65 22.73 -1.43
CA SER C 57 -12.37 22.44 -2.07
C SER C 57 -11.47 21.71 -1.09
N VAL C 58 -10.42 21.11 -1.62
CA VAL C 58 -9.48 20.38 -0.78
C VAL C 58 -8.13 20.27 -1.47
N LEU C 59 -7.08 20.63 -0.76
CA LEU C 59 -5.73 20.34 -1.19
C LEU C 59 -5.54 18.92 -0.69
N GLY C 60 -5.22 18.01 -1.60
CA GLY C 60 -5.08 16.62 -1.21
C GLY C 60 -3.97 15.87 -1.90
N ALA C 61 -3.74 14.64 -1.44
CA ALA C 61 -2.73 13.77 -1.99
C ALA C 61 -3.34 12.37 -2.11
N SER C 62 -2.79 11.57 -2.99
CA SER C 62 -3.25 10.21 -3.16
C SER C 62 -2.08 9.32 -3.47
N TYR C 63 -2.28 8.02 -3.32
CA TYR C 63 -1.22 7.09 -3.61
C TYR C 63 -1.83 5.80 -4.07
N THR C 64 -1.53 5.46 -5.32
CA THR C 64 -1.99 4.21 -5.89
C THR C 64 -0.82 3.32 -6.24
N GLN C 65 -0.90 2.07 -5.80
CA GLN C 65 0.15 1.09 -6.04
C GLN C 65 -0.47 -0.14 -6.69
N LYS C 66 0.11 -0.57 -7.80
CA LYS C 66 -0.30 -1.81 -8.47
C LYS C 66 0.89 -2.75 -8.45
N SER C 67 0.66 -4.01 -8.08
CA SER C 67 1.74 -5.00 -8.00
C SER C 67 1.37 -6.27 -8.74
N TRP C 68 2.37 -6.90 -9.34
CA TRP C 68 2.20 -8.19 -10.01
C TRP C 68 3.20 -9.16 -9.40
N TRP C 69 2.67 -10.19 -8.74
CA TRP C 69 3.44 -11.09 -7.92
C TRP C 69 3.39 -12.52 -8.44
N GLN C 70 4.54 -13.06 -8.81
CA GLN C 70 4.66 -14.44 -9.31
C GLN C 70 4.54 -15.45 -8.17
N LEU C 71 3.38 -15.50 -7.50
CA LEU C 71 3.19 -16.36 -6.33
C LEU C 71 3.44 -17.86 -6.54
N SER C 72 2.95 -18.38 -7.65
CA SER C 72 3.04 -19.80 -7.96
C SER C 72 4.43 -20.26 -8.41
N ASN C 73 5.33 -19.31 -8.65
CA ASN C 73 6.66 -19.61 -9.16
C ASN C 73 7.64 -19.86 -8.02
N SER C 74 7.37 -20.88 -7.21
CA SER C 74 8.19 -21.19 -6.05
C SER C 74 9.63 -21.53 -6.43
N GLU C 75 9.79 -22.09 -7.62
CA GLU C 75 11.09 -22.44 -8.17
C GLU C 75 12.05 -21.24 -8.13
N GLU C 76 11.49 -20.05 -8.35
CA GLU C 76 12.30 -18.83 -8.36
C GLU C 76 12.03 -17.94 -7.15
N SER C 77 11.54 -18.55 -6.08
CA SER C 77 11.21 -17.84 -4.83
C SER C 77 10.13 -16.77 -4.99
N SER C 78 9.13 -17.06 -5.83
CA SER C 78 7.94 -16.21 -6.03
C SER C 78 8.22 -14.71 -5.96
N PRO C 79 8.99 -14.18 -6.90
CA PRO C 79 9.34 -12.76 -6.85
C PRO C 79 8.20 -11.86 -7.36
N PHE C 80 8.24 -10.59 -6.97
CA PHE C 80 7.40 -9.59 -7.61
C PHE C 80 7.98 -9.29 -8.99
N ARG C 81 7.14 -9.37 -10.01
CA ARG C 81 7.61 -9.06 -11.35
C ARG C 81 7.69 -7.55 -11.56
N GLU C 82 6.70 -6.84 -11.02
CA GLU C 82 6.55 -5.42 -11.25
C GLU C 82 5.64 -4.77 -10.21
N THR C 83 6.02 -3.57 -9.79
CA THR C 83 5.15 -2.74 -8.97
C THR C 83 5.17 -1.35 -9.60
N ASN C 84 3.99 -0.75 -9.75
CA ASN C 84 3.89 0.65 -10.14
C ASN C 84 3.46 1.49 -8.94
N TYR C 85 4.21 2.57 -8.69
CA TYR C 85 3.94 3.49 -7.59
C TYR C 85 3.46 4.82 -8.15
N GLU C 86 2.25 5.22 -7.79
CA GLU C 86 1.63 6.39 -8.38
C GLU C 86 1.13 7.43 -7.37
N PRO C 87 2.04 8.28 -6.86
CA PRO C 87 1.66 9.35 -5.92
C PRO C 87 1.12 10.57 -6.69
N GLN C 88 0.18 11.29 -6.08
CA GLN C 88 -0.43 12.47 -6.71
C GLN C 88 -0.58 13.61 -5.70
N LEU C 89 -0.59 14.84 -6.21
CA LEU C 89 -0.86 16.03 -5.40
C LEU C 89 -1.89 16.82 -6.20
N PHE C 90 -2.99 17.19 -5.57
CA PHE C 90 -4.06 17.83 -6.34
C PHE C 90 -4.92 18.84 -5.58
N LEU C 91 -5.61 19.67 -6.35
CA LEU C 91 -6.67 20.52 -5.86
C LEU C 91 -7.98 19.93 -6.29
N GLY C 92 -8.83 19.61 -5.33
CA GLY C 92 -10.12 19.05 -5.65
C GLY C 92 -11.29 19.93 -5.26
N PHE C 93 -12.35 19.88 -6.07
CA PHE C 93 -13.57 20.63 -5.80
C PHE C 93 -14.78 19.74 -5.95
N ALA C 94 -15.67 19.77 -4.94
CA ALA C 94 -16.95 19.08 -5.00
C ALA C 94 -17.94 20.04 -5.65
N THR C 95 -18.45 19.67 -6.81
CA THR C 95 -19.31 20.55 -7.59
C THR C 95 -20.72 19.99 -7.78
N ASP C 96 -21.62 20.80 -8.32
CA ASP C 96 -22.98 20.35 -8.64
C ASP C 96 -23.51 20.98 -9.94
N TYR C 97 -22.62 21.09 -10.92
CA TYR C 97 -23.00 21.61 -12.23
C TYR C 97 -23.79 20.56 -13.02
N ARG C 98 -25.09 20.81 -13.20
CA ARG C 98 -25.94 19.89 -13.96
C ARG C 98 -26.10 20.34 -15.39
N PHE C 99 -26.08 19.39 -16.31
CA PHE C 99 -26.17 19.65 -17.74
C PHE C 99 -26.66 18.39 -18.44
N ALA C 100 -27.86 18.46 -18.99
CA ALA C 100 -28.47 17.37 -19.75
C ALA C 100 -28.71 16.11 -18.92
N GLY C 101 -29.15 16.29 -17.68
CA GLY C 101 -29.36 15.16 -16.80
C GLY C 101 -28.12 14.71 -16.05
N TRP C 102 -26.94 15.05 -16.56
CA TRP C 102 -25.68 14.69 -15.92
C TRP C 102 -25.25 15.75 -14.93
N THR C 103 -24.75 15.30 -13.78
CA THR C 103 -24.24 16.21 -12.76
C THR C 103 -22.71 16.05 -12.64
N LEU C 104 -21.97 17.11 -12.92
CA LEU C 104 -20.53 17.15 -12.66
C LEU C 104 -20.33 17.22 -11.15
N ARG C 105 -19.69 16.20 -10.58
CA ARG C 105 -19.52 16.10 -9.13
C ARG C 105 -18.11 16.39 -8.61
N ASP C 106 -17.11 15.98 -9.37
CA ASP C 106 -15.71 16.16 -8.98
C ASP C 106 -14.93 16.89 -10.05
N VAL C 107 -14.19 17.90 -9.63
CA VAL C 107 -13.20 18.56 -10.49
C VAL C 107 -11.89 18.57 -9.71
N GLU C 108 -10.89 17.95 -10.31
CA GLU C 108 -9.60 17.72 -9.65
C GLU C 108 -8.48 18.09 -10.60
N MET C 109 -7.55 18.92 -10.16
CA MET C 109 -6.37 19.17 -10.96
C MET C 109 -5.11 18.96 -10.15
N GLY C 110 -4.12 18.33 -10.74
CA GLY C 110 -2.90 18.09 -10.00
C GLY C 110 -1.73 17.53 -10.78
N TYR C 111 -0.79 16.95 -10.03
CA TYR C 111 0.47 16.42 -10.53
C TYR C 111 0.55 14.94 -10.18
N ASN C 112 0.97 14.15 -11.16
CA ASN C 112 1.01 12.70 -11.03
C ASN C 112 2.42 12.19 -11.39
N HIS C 113 3.03 11.41 -10.50
CA HIS C 113 4.24 10.69 -10.83
C HIS C 113 3.91 9.20 -10.87
N ASP C 114 4.36 8.52 -11.92
CA ASP C 114 4.13 7.10 -12.04
C ASP C 114 5.47 6.46 -12.41
N SER C 115 5.96 5.58 -11.54
CA SER C 115 7.26 4.90 -11.72
C SER C 115 7.18 3.48 -11.17
N ASN C 116 8.22 2.69 -11.43
CA ASN C 116 8.23 1.29 -11.00
C ASN C 116 9.35 0.93 -10.01
N GLY C 117 10.12 1.93 -9.58
CA GLY C 117 11.12 1.75 -8.55
C GLY C 117 12.30 0.86 -8.88
N ARG C 118 12.55 0.67 -10.17
CA ARG C 118 13.67 -0.17 -10.60
C ARG C 118 14.84 0.68 -11.06
N SER C 119 16.04 0.14 -10.95
CA SER C 119 17.21 0.78 -11.55
C SER C 119 17.25 0.39 -13.02
N ASP C 120 18.21 0.92 -13.77
CA ASP C 120 18.38 0.51 -15.16
C ASP C 120 18.72 -0.98 -15.24
N PRO C 121 18.37 -1.65 -16.35
CA PRO C 121 17.69 -1.10 -17.53
C PRO C 121 16.17 -1.21 -17.48
N THR C 122 15.60 -1.70 -16.37
CA THR C 122 14.16 -1.90 -16.30
C THR C 122 13.37 -0.74 -15.67
N SER C 123 14.06 0.37 -15.47
CA SER C 123 13.45 1.61 -14.97
C SER C 123 12.40 2.20 -15.93
N ARG C 124 11.25 2.57 -15.36
CA ARG C 124 10.16 3.14 -16.12
C ARG C 124 9.61 4.27 -15.27
N SER C 125 9.30 5.40 -15.88
CA SER C 125 8.67 6.50 -15.15
C SER C 125 8.22 7.63 -16.06
N TRP C 126 7.18 8.33 -15.62
CA TRP C 126 6.76 9.57 -16.26
C TRP C 126 6.01 10.47 -15.28
N ASN C 127 5.93 11.74 -15.64
CA ASN C 127 5.26 12.76 -14.84
C ASN C 127 4.15 13.38 -15.67
N ARG C 128 3.02 13.66 -15.03
CA ARG C 128 1.88 14.24 -15.75
C ARG C 128 1.18 15.30 -14.95
N LEU C 129 0.72 16.34 -15.65
CA LEU C 129 -0.22 17.30 -15.09
C LEU C 129 -1.57 16.85 -15.64
N TYR C 130 -2.55 16.70 -14.78
CA TYR C 130 -3.82 16.17 -15.22
C TYR C 130 -4.97 16.90 -14.58
N THR C 131 -6.15 16.66 -15.16
CA THR C 131 -7.40 17.07 -14.57
C THR C 131 -8.26 15.83 -14.56
N ARG C 132 -8.94 15.59 -13.45
CA ARG C 132 -9.91 14.51 -13.37
C ARG C 132 -11.28 15.15 -13.21
N LEU C 133 -12.22 14.75 -14.06
CA LEU C 133 -13.59 15.24 -14.05
C LEU C 133 -14.53 14.06 -13.87
N MET C 134 -15.40 14.12 -12.88
CA MET C 134 -16.37 13.06 -12.67
C MET C 134 -17.80 13.58 -12.70
N ALA C 135 -18.64 12.94 -13.51
CA ALA C 135 -20.06 13.27 -13.62
C ALA C 135 -20.89 12.00 -13.47
N GLU C 136 -22.09 12.16 -12.92
CA GLU C 136 -23.01 11.02 -12.77
C GLU C 136 -24.42 11.31 -13.27
N ASN C 137 -25.17 10.26 -13.56
CA ASN C 137 -26.55 10.39 -14.03
C ASN C 137 -27.27 9.07 -13.82
N GLY C 138 -28.05 9.01 -12.75
CA GLY C 138 -28.76 7.79 -12.42
C GLY C 138 -27.81 6.71 -11.95
N ASN C 139 -27.81 5.59 -12.67
CA ASN C 139 -26.93 4.47 -12.37
C ASN C 139 -25.58 4.59 -13.08
N TRP C 140 -25.38 5.70 -13.81
CA TRP C 140 -24.15 5.91 -14.54
C TRP C 140 -23.14 6.83 -13.85
N LEU C 141 -21.88 6.54 -14.08
CA LEU C 141 -20.79 7.41 -13.64
C LEU C 141 -19.80 7.44 -14.81
N VAL C 142 -19.33 8.64 -15.15
CA VAL C 142 -18.32 8.80 -16.18
C VAL C 142 -17.20 9.70 -15.65
N GLU C 143 -15.97 9.27 -15.85
CA GLU C 143 -14.81 10.03 -15.41
C GLU C 143 -13.81 10.19 -16.56
N VAL C 144 -13.43 11.42 -16.86
CA VAL C 144 -12.40 11.68 -17.87
C VAL C 144 -11.20 12.28 -17.18
N LYS C 145 -10.02 11.74 -17.48
CA LYS C 145 -8.79 12.21 -16.86
C LYS C 145 -7.77 12.53 -17.95
N PRO C 146 -7.83 13.74 -18.53
CA PRO C 146 -6.84 14.13 -19.53
C PRO C 146 -5.53 14.55 -18.87
N TRP C 147 -4.43 14.39 -19.58
CA TRP C 147 -3.15 14.80 -19.01
C TRP C 147 -2.18 15.40 -20.00
N TYR C 148 -1.11 15.97 -19.45
CA TYR C 148 -0.06 16.56 -20.22
C TYR C 148 1.22 16.03 -19.58
N VAL C 149 2.00 15.24 -20.33
CA VAL C 149 3.29 14.76 -19.84
C VAL C 149 4.23 15.95 -19.69
N VAL C 150 4.97 15.97 -18.59
CA VAL C 150 5.95 17.03 -18.35
C VAL C 150 7.27 16.40 -17.87
N GLY C 151 8.36 17.12 -18.05
CA GLY C 151 9.64 16.64 -17.58
C GLY C 151 10.33 15.61 -18.46
N ASN C 152 11.28 14.90 -17.87
CA ASN C 152 12.07 13.88 -18.57
C ASN C 152 11.30 12.56 -18.65
N THR C 153 11.37 11.90 -19.80
CA THR C 153 10.73 10.60 -19.97
C THR C 153 11.71 9.62 -20.62
N ASP C 154 13.00 9.81 -20.35
CA ASP C 154 14.06 9.02 -20.99
C ASP C 154 13.95 7.50 -20.84
N ASP C 155 13.36 7.04 -19.74
CA ASP C 155 13.17 5.60 -19.48
C ASP C 155 12.18 4.95 -20.44
N ASN C 156 11.34 5.79 -21.04
CA ASN C 156 10.30 5.34 -21.98
C ASN C 156 9.81 6.60 -22.70
N PRO C 157 10.66 7.20 -23.53
CA PRO C 157 10.35 8.44 -24.25
C PRO C 157 9.09 8.34 -25.11
N ASP C 158 8.72 7.13 -25.53
CA ASP C 158 7.56 6.96 -26.39
C ASP C 158 6.36 6.42 -25.64
N ILE C 159 6.27 6.70 -24.34
CA ILE C 159 5.17 6.16 -23.55
C ILE C 159 3.78 6.64 -23.99
N THR C 160 3.67 7.88 -24.45
CA THR C 160 2.39 8.43 -24.90
C THR C 160 1.87 7.82 -26.20
N LYS C 161 2.75 7.18 -26.97
CA LYS C 161 2.33 6.42 -28.15
C LYS C 161 1.37 5.30 -27.74
N TYR C 162 1.59 4.76 -26.54
CA TYR C 162 0.81 3.62 -26.05
C TYR C 162 -0.24 3.99 -25.00
N MET C 163 0.04 5.03 -24.24
CA MET C 163 -0.86 5.45 -23.16
C MET C 163 -1.82 6.56 -23.60
N GLY C 164 -1.45 7.29 -24.65
CA GLY C 164 -2.29 8.39 -25.08
C GLY C 164 -2.23 9.56 -24.10
N TYR C 165 -3.28 10.38 -24.11
CA TYR C 165 -3.30 11.64 -23.33
C TYR C 165 -4.50 11.76 -22.39
N TYR C 166 -5.26 10.69 -22.23
CA TYR C 166 -6.40 10.71 -21.33
C TYR C 166 -6.76 9.31 -20.91
N GLN C 167 -7.49 9.21 -19.81
CA GLN C 167 -8.06 7.94 -19.38
C GLN C 167 -9.56 8.13 -19.18
N LEU C 168 -10.34 7.23 -19.77
CA LEU C 168 -11.79 7.28 -19.62
C LEU C 168 -12.28 6.15 -18.71
N LYS C 169 -13.20 6.49 -17.82
CA LYS C 169 -13.73 5.54 -16.85
C LYS C 169 -15.26 5.61 -16.86
N ILE C 170 -15.89 4.45 -17.02
CA ILE C 170 -17.34 4.35 -17.01
C ILE C 170 -17.79 3.34 -15.96
N GLY C 171 -18.69 3.76 -15.09
CA GLY C 171 -19.26 2.86 -14.10
C GLY C 171 -20.76 2.72 -14.31
N TYR C 172 -21.29 1.53 -14.05
CA TYR C 172 -22.73 1.30 -14.13
C TYR C 172 -23.20 0.51 -12.91
N HIS C 173 -24.12 1.09 -12.16
CA HIS C 173 -24.69 0.44 -10.99
C HIS C 173 -25.95 -0.35 -11.33
N LEU C 174 -25.82 -1.67 -11.34
CA LEU C 174 -26.94 -2.56 -11.63
C LEU C 174 -27.31 -3.22 -10.30
N GLY C 175 -28.25 -2.61 -9.59
CA GLY C 175 -28.54 -3.06 -8.23
C GLY C 175 -27.34 -2.79 -7.35
N ASP C 176 -26.83 -3.80 -6.69
CA ASP C 176 -25.59 -3.61 -5.94
C ASP C 176 -24.35 -3.96 -6.77
N ALA C 177 -24.58 -4.48 -7.97
CA ALA C 177 -23.50 -4.83 -8.86
C ALA C 177 -22.93 -3.56 -9.49
N VAL C 178 -21.63 -3.58 -9.74
CA VAL C 178 -20.96 -2.49 -10.42
C VAL C 178 -20.20 -3.01 -11.63
N LEU C 179 -20.60 -2.54 -12.79
CA LEU C 179 -19.94 -2.86 -14.04
C LEU C 179 -18.99 -1.69 -14.29
N SER C 180 -17.74 -1.97 -14.62
CA SER C 180 -16.79 -0.88 -14.83
C SER C 180 -15.93 -1.07 -16.07
N ALA C 181 -15.57 0.05 -16.68
CA ALA C 181 -14.69 0.06 -17.85
C ALA C 181 -13.71 1.22 -17.69
N LYS C 182 -12.44 0.93 -17.90
CA LYS C 182 -11.36 1.91 -17.71
C LYS C 182 -10.43 1.76 -18.91
N GLY C 183 -10.19 2.86 -19.62
CA GLY C 183 -9.41 2.76 -20.84
C GLY C 183 -8.66 3.99 -21.29
N GLN C 184 -7.78 3.75 -22.25
CA GLN C 184 -6.96 4.78 -22.88
C GLN C 184 -6.87 4.40 -24.35
N TYR C 185 -6.73 5.40 -25.21
CA TYR C 185 -6.63 5.14 -26.63
C TYR C 185 -6.04 6.34 -27.36
N ASN C 186 -4.90 6.12 -28.00
CA ASN C 186 -4.26 7.16 -28.81
C ASN C 186 -4.72 6.95 -30.24
N TRP C 187 -5.52 7.89 -30.74
CA TRP C 187 -6.08 7.82 -32.09
C TRP C 187 -5.00 7.86 -33.18
N ASN C 188 -3.95 8.65 -32.95
CA ASN C 188 -2.88 8.87 -33.92
C ASN C 188 -1.89 7.71 -34.10
N THR C 189 -1.90 6.75 -33.18
CA THR C 189 -0.99 5.62 -33.23
C THR C 189 -1.75 4.29 -33.19
N GLY C 190 -3.03 4.35 -32.82
CA GLY C 190 -3.87 3.16 -32.76
C GLY C 190 -3.69 2.29 -31.52
N TYR C 191 -2.84 2.75 -30.59
CA TYR C 191 -2.58 1.98 -29.38
C TYR C 191 -3.45 2.38 -28.21
N GLY C 192 -3.85 1.38 -27.46
CA GLY C 192 -4.67 1.61 -26.28
C GLY C 192 -4.81 0.35 -25.45
N GLY C 193 -5.63 0.47 -24.40
CA GLY C 193 -5.85 -0.64 -23.51
C GLY C 193 -7.15 -0.40 -22.76
N ALA C 194 -7.78 -1.50 -22.37
CA ALA C 194 -9.07 -1.45 -21.70
C ALA C 194 -9.13 -2.45 -20.54
N GLU C 195 -9.79 -2.04 -19.47
CA GLU C 195 -9.94 -2.86 -18.27
C GLU C 195 -11.42 -2.93 -17.93
N LEU C 196 -12.01 -4.11 -18.09
CA LEU C 196 -13.42 -4.31 -17.76
C LEU C 196 -13.52 -5.03 -16.44
N GLY C 197 -14.44 -4.60 -15.60
CA GLY C 197 -14.60 -5.24 -14.31
C GLY C 197 -16.03 -5.46 -13.92
N LEU C 198 -16.24 -6.41 -13.01
CA LEU C 198 -17.55 -6.68 -12.46
C LEU C 198 -17.38 -7.03 -10.99
N SER C 199 -18.10 -6.33 -10.13
CA SER C 199 -18.02 -6.62 -8.70
C SER C 199 -19.38 -6.72 -8.04
N TYR C 200 -19.44 -7.48 -6.96
CA TYR C 200 -20.69 -7.67 -6.23
C TYR C 200 -20.37 -7.88 -4.76
N PRO C 201 -21.12 -7.24 -3.86
CA PRO C 201 -20.89 -7.34 -2.40
C PRO C 201 -21.11 -8.74 -1.87
N ILE C 202 -20.14 -9.20 -1.05
CA ILE C 202 -20.26 -10.43 -0.25
C ILE C 202 -20.70 -9.97 1.13
N THR C 203 -20.17 -8.82 1.52
CA THR C 203 -20.57 -8.13 2.75
C THR C 203 -20.38 -6.61 2.53
N LYS C 204 -20.78 -5.83 3.53
CA LYS C 204 -20.76 -4.37 3.41
C LYS C 204 -19.40 -3.73 3.13
N HIS C 205 -18.33 -4.52 3.29
CA HIS C 205 -16.97 -4.02 3.04
C HIS C 205 -16.15 -4.88 2.07
N VAL C 206 -16.67 -6.05 1.72
CA VAL C 206 -15.95 -6.93 0.79
C VAL C 206 -16.80 -7.27 -0.43
N ARG C 207 -16.17 -7.29 -1.60
CA ARG C 207 -16.86 -7.56 -2.84
C ARG C 207 -16.11 -8.62 -3.62
N LEU C 208 -16.85 -9.49 -4.29
CA LEU C 208 -16.25 -10.40 -5.27
C LEU C 208 -15.97 -9.53 -6.49
N TYR C 209 -14.90 -9.83 -7.21
CA TYR C 209 -14.46 -9.00 -8.30
C TYR C 209 -13.79 -9.81 -9.40
N THR C 210 -14.18 -9.54 -10.64
CA THR C 210 -13.58 -10.18 -11.81
C THR C 210 -13.12 -9.06 -12.70
N GLN C 211 -11.95 -9.23 -13.30
CA GLN C 211 -11.37 -8.21 -14.16
C GLN C 211 -10.80 -8.83 -15.41
N VAL C 212 -10.96 -8.13 -16.53
CA VAL C 212 -10.33 -8.48 -17.80
C VAL C 212 -9.62 -7.23 -18.32
N TYR C 213 -8.31 -7.36 -18.58
CA TYR C 213 -7.52 -6.29 -19.16
C TYR C 213 -7.09 -6.73 -20.55
N SER C 214 -7.16 -5.83 -21.52
CA SER C 214 -6.65 -6.14 -22.85
C SER C 214 -6.04 -4.93 -23.53
N GLY C 215 -4.85 -5.12 -24.09
CA GLY C 215 -4.17 -4.04 -24.77
C GLY C 215 -2.80 -3.70 -24.21
N TYR C 216 -2.39 -2.47 -24.46
CA TYR C 216 -1.09 -1.96 -24.05
C TYR C 216 -1.13 -1.19 -22.74
N GLY C 217 0.01 -1.13 -22.08
CA GLY C 217 0.16 -0.27 -20.91
C GLY C 217 -0.53 -0.73 -19.64
N GLU C 218 -0.56 -2.05 -19.40
CA GLU C 218 -1.16 -2.55 -18.17
C GLU C 218 -0.31 -2.15 -16.99
N SER C 219 1.00 -2.19 -17.20
CA SER C 219 2.00 -1.76 -16.21
C SER C 219 3.09 -1.03 -16.97
N LEU C 220 3.91 -0.29 -16.25
CA LEU C 220 4.97 0.48 -16.89
C LEU C 220 5.97 -0.37 -17.68
N ILE C 221 6.31 -1.54 -17.15
CA ILE C 221 7.27 -2.43 -17.83
C ILE C 221 6.64 -3.06 -19.09
N ASP C 222 5.32 -2.99 -19.18
CA ASP C 222 4.56 -3.48 -20.33
C ASP C 222 3.82 -2.36 -21.04
N TYR C 223 4.35 -1.14 -20.96
CA TYR C 223 3.68 0.01 -21.57
C TYR C 223 3.58 -0.13 -23.09
N ASN C 224 4.62 -0.73 -23.68
CA ASN C 224 4.72 -0.97 -25.11
C ASN C 224 4.51 -2.45 -25.44
N PHE C 225 3.81 -3.17 -24.56
CA PHE C 225 3.58 -4.60 -24.70
C PHE C 225 2.09 -4.90 -24.64
N ASN C 226 1.63 -5.75 -25.55
CA ASN C 226 0.21 -6.07 -25.65
C ASN C 226 -0.08 -7.45 -25.05
N GLN C 227 -1.07 -7.50 -24.16
CA GLN C 227 -1.48 -8.74 -23.52
C GLN C 227 -2.95 -8.70 -23.14
N THR C 228 -3.51 -9.86 -22.85
CA THR C 228 -4.87 -9.95 -22.33
C THR C 228 -4.79 -10.71 -21.03
N ARG C 229 -5.32 -10.11 -19.97
CA ARG C 229 -5.23 -10.70 -18.65
C ARG C 229 -6.62 -10.84 -18.05
N VAL C 230 -6.89 -11.99 -17.45
CA VAL C 230 -8.15 -12.21 -16.77
C VAL C 230 -7.87 -12.55 -15.31
N GLY C 231 -8.71 -12.03 -14.41
CA GLY C 231 -8.51 -12.26 -13.00
C GLY C 231 -9.76 -12.29 -12.16
N VAL C 232 -9.69 -13.01 -11.05
CA VAL C 232 -10.81 -13.11 -10.13
C VAL C 232 -10.29 -12.95 -8.69
N GLY C 233 -11.06 -12.29 -7.84
CA GLY C 233 -10.66 -12.15 -6.46
C GLY C 233 -11.62 -11.32 -5.62
N VAL C 234 -11.06 -10.47 -4.75
CA VAL C 234 -11.87 -9.63 -3.88
C VAL C 234 -11.56 -8.14 -4.01
N MET C 235 -12.49 -7.32 -3.52
CA MET C 235 -12.38 -5.88 -3.65
C MET C 235 -13.00 -5.22 -2.42
N LEU C 236 -12.46 -4.07 -2.03
CA LEU C 236 -13.00 -3.38 -0.88
C LEU C 236 -14.02 -2.37 -1.37
N ASN C 237 -13.55 -1.40 -2.14
CA ASN C 237 -14.38 -0.38 -2.73
C ASN C 237 -14.28 -0.40 -4.25
N ASP C 238 -15.41 -0.37 -4.94
CA ASP C 238 -15.35 -0.16 -6.38
C ASP C 238 -15.49 1.34 -6.62
N LEU C 239 -15.57 1.75 -7.89
CA LEU C 239 -15.64 3.18 -8.22
C LEU C 239 -16.85 3.93 -7.65
N PHE C 240 -18.00 3.27 -7.58
CA PHE C 240 -19.13 3.82 -6.83
C PHE C 240 -20.09 2.79 -6.27
N THR D 2 -15.43 2.74 4.83
CA THR D 2 -14.67 2.15 3.69
C THR D 2 -13.27 1.61 4.05
N LEU D 3 -12.37 2.45 4.57
CA LEU D 3 -11.02 1.95 4.92
C LEU D 3 -10.53 2.06 6.37
N TYR D 4 -10.06 0.93 6.90
CA TYR D 4 -9.52 0.85 8.25
C TYR D 4 -8.00 0.66 8.30
N PRO D 5 -7.34 1.34 9.25
CA PRO D 5 -5.91 1.15 9.39
C PRO D 5 -5.61 -0.03 10.32
N TYR D 6 -4.47 -0.67 10.14
CA TYR D 6 -4.04 -1.67 11.09
C TYR D 6 -2.94 -1.02 11.95
N ASP D 7 -1.70 -1.07 11.46
CA ASP D 7 -0.57 -0.40 12.09
C ASP D 7 -0.57 1.08 11.67
N THR D 8 0.57 1.75 11.83
CA THR D 8 0.72 3.14 11.43
C THR D 8 0.95 3.31 9.94
N ASN D 9 0.52 4.45 9.41
CA ASN D 9 0.75 4.83 8.05
C ASN D 9 1.59 6.12 8.01
N TYR D 10 2.78 6.03 7.45
CA TYR D 10 3.68 7.18 7.42
C TYR D 10 4.61 7.20 6.20
N LEU D 11 5.18 8.37 5.95
CA LEU D 11 6.19 8.60 4.93
C LEU D 11 7.23 9.53 5.57
N ILE D 12 8.46 9.05 5.69
CA ILE D 12 9.55 9.85 6.28
C ILE D 12 10.80 9.82 5.42
N TYR D 13 11.66 10.83 5.60
CA TYR D 13 12.94 10.87 4.90
C TYR D 13 13.99 10.52 5.94
N THR D 14 14.87 9.58 5.59
CA THR D 14 15.76 9.00 6.57
C THR D 14 17.22 8.97 6.15
N GLN D 15 18.10 8.85 7.14
CA GLN D 15 19.47 8.45 6.86
C GLN D 15 19.84 7.34 7.82
N THR D 16 20.53 6.34 7.29
CA THR D 16 21.03 5.25 8.12
C THR D 16 22.52 5.45 8.39
N SER D 17 23.01 4.85 9.48
CA SER D 17 24.43 4.93 9.85
C SER D 17 25.29 4.23 8.80
N ASP D 18 24.75 3.15 8.24
CA ASP D 18 25.45 2.36 7.23
C ASP D 18 24.48 1.54 6.40
N LEU D 19 24.71 1.49 5.09
CA LEU D 19 23.86 0.74 4.17
C LEU D 19 24.47 -0.64 3.97
N ASN D 20 23.63 -1.67 4.11
CA ASN D 20 24.04 -3.06 3.97
C ASN D 20 24.25 -3.46 2.50
N LYS D 21 25.34 -3.00 1.90
CA LYS D 21 25.65 -3.31 0.51
C LYS D 21 25.94 -4.79 0.29
N GLU D 22 26.42 -5.45 1.34
CA GLU D 22 26.83 -6.86 1.29
C GLU D 22 25.67 -7.77 0.92
N ALA D 23 24.55 -7.63 1.61
CA ALA D 23 23.35 -8.44 1.36
C ALA D 23 22.81 -8.24 -0.04
N ILE D 24 22.96 -7.03 -0.58
CA ILE D 24 22.44 -6.70 -1.91
C ILE D 24 23.50 -6.66 -3.02
N ALA D 25 24.66 -7.29 -2.81
CA ALA D 25 25.73 -7.28 -3.81
C ALA D 25 25.32 -7.76 -5.21
N SER D 26 24.29 -8.58 -5.30
CA SER D 26 23.73 -9.04 -6.58
C SER D 26 23.20 -7.92 -7.46
N TYR D 27 22.58 -6.92 -6.85
CA TYR D 27 22.07 -5.77 -7.59
C TYR D 27 23.27 -5.02 -8.14
N ASP D 28 23.29 -4.75 -9.44
CA ASP D 28 24.41 -4.06 -10.05
C ASP D 28 24.58 -2.64 -9.50
N TRP D 29 23.48 -2.03 -9.08
CA TRP D 29 23.51 -0.67 -8.56
C TRP D 29 24.05 -0.54 -7.12
N ALA D 30 24.13 -1.66 -6.42
CA ALA D 30 24.44 -1.70 -4.98
C ALA D 30 25.73 -1.03 -4.54
N GLU D 31 26.77 -1.13 -5.36
CA GLU D 31 28.06 -0.52 -5.05
C GLU D 31 27.95 1.00 -4.91
N ASN D 32 26.92 1.58 -5.53
CA ASN D 32 26.66 3.03 -5.46
C ASN D 32 25.48 3.39 -4.56
N ALA D 33 25.12 2.50 -3.65
CA ALA D 33 23.97 2.72 -2.77
C ALA D 33 24.27 3.87 -1.79
N ARG D 34 23.26 4.69 -1.52
CA ARG D 34 23.45 5.83 -0.61
C ARG D 34 22.83 5.57 0.74
N LYS D 35 23.23 6.35 1.75
CA LYS D 35 22.72 6.15 3.11
C LYS D 35 21.37 6.83 3.37
N ASP D 36 20.97 7.77 2.51
CA ASP D 36 19.68 8.46 2.67
C ASP D 36 18.58 7.87 1.78
N GLU D 37 17.43 7.63 2.40
CA GLU D 37 16.35 6.90 1.77
C GLU D 37 15.01 7.39 2.28
N VAL D 38 14.02 7.28 1.41
CA VAL D 38 12.63 7.48 1.83
C VAL D 38 12.11 6.17 2.40
N LYS D 39 11.53 6.24 3.60
CA LYS D 39 10.94 5.07 4.21
C LYS D 39 9.46 5.35 4.38
N PHE D 40 8.63 4.40 3.99
CA PHE D 40 7.20 4.55 4.19
C PHE D 40 6.54 3.22 4.50
N GLN D 41 5.48 3.30 5.28
CA GLN D 41 4.70 2.15 5.66
C GLN D 41 3.24 2.43 5.34
N LEU D 42 2.58 1.43 4.75
CA LEU D 42 1.17 1.49 4.49
C LEU D 42 0.66 0.31 5.31
N SER D 43 -0.45 0.50 5.99
CA SER D 43 -1.01 -0.57 6.81
C SER D 43 -2.51 -0.45 6.98
N LEU D 44 -3.21 -1.50 6.55
CA LEU D 44 -4.66 -1.54 6.49
C LEU D 44 -5.23 -2.81 7.10
N ALA D 45 -6.39 -2.68 7.74
CA ALA D 45 -7.12 -3.83 8.28
C ALA D 45 -8.35 -4.07 7.40
N PHE D 46 -8.70 -5.34 7.19
CA PHE D 46 -9.86 -5.67 6.38
C PHE D 46 -10.79 -6.60 7.14
N PRO D 47 -11.89 -6.05 7.70
CA PRO D 47 -12.86 -6.89 8.39
C PRO D 47 -13.58 -7.80 7.40
N LEU D 48 -13.42 -9.10 7.55
CA LEU D 48 -14.02 -10.05 6.62
C LEU D 48 -15.36 -10.55 7.15
N TRP D 49 -15.37 -10.97 8.40
CA TRP D 49 -16.53 -11.61 9.00
C TRP D 49 -16.69 -11.18 10.45
N ARG D 50 -17.51 -10.16 10.67
CA ARG D 50 -17.85 -9.71 12.02
C ARG D 50 -18.81 -10.70 12.68
N GLY D 51 -18.60 -10.95 13.97
CA GLY D 51 -19.49 -11.82 14.72
C GLY D 51 -19.29 -13.30 14.49
N ILE D 52 -18.18 -13.68 13.86
CA ILE D 52 -17.93 -15.09 13.60
C ILE D 52 -17.94 -15.94 14.89
N LEU D 53 -17.49 -15.36 16.00
CA LEU D 53 -17.49 -16.04 17.30
C LEU D 53 -18.13 -15.19 18.40
N GLY D 54 -19.19 -14.44 18.06
CA GLY D 54 -19.81 -13.55 19.03
C GLY D 54 -19.81 -12.09 18.61
N PRO D 55 -20.63 -11.24 19.25
CA PRO D 55 -20.80 -9.80 18.97
C PRO D 55 -19.49 -9.00 18.98
N ASN D 56 -18.49 -9.46 19.72
CA ASN D 56 -17.24 -8.69 19.88
C ASN D 56 -16.04 -9.29 19.15
N SER D 57 -16.29 -10.20 18.22
CA SER D 57 -15.23 -10.87 17.52
C SER D 57 -15.23 -10.52 16.05
N VAL D 58 -14.13 -10.83 15.37
CA VAL D 58 -14.00 -10.54 13.96
C VAL D 58 -12.95 -11.41 13.31
N LEU D 59 -13.33 -12.02 12.20
CA LEU D 59 -12.37 -12.72 11.36
C LEU D 59 -11.88 -11.58 10.47
N GLY D 60 -10.58 -11.35 10.46
CA GLY D 60 -10.03 -10.22 9.72
C GLY D 60 -8.74 -10.50 9.01
N ALA D 61 -8.33 -9.54 8.20
CA ALA D 61 -7.08 -9.63 7.47
C ALA D 61 -6.41 -8.27 7.56
N SER D 62 -5.08 -8.27 7.45
CA SER D 62 -4.36 -7.01 7.44
C SER D 62 -3.22 -7.10 6.45
N TYR D 63 -2.67 -5.95 6.09
CA TYR D 63 -1.56 -5.89 5.16
C TYR D 63 -0.69 -4.71 5.53
N THR D 64 0.55 -5.01 5.86
CA THR D 64 1.50 -3.97 6.18
C THR D 64 2.66 -4.05 5.22
N GLN D 65 2.97 -2.93 4.59
CA GLN D 65 4.08 -2.85 3.65
C GLN D 65 5.06 -1.77 4.09
N LYS D 66 6.34 -2.14 4.17
CA LYS D 66 7.40 -1.17 4.46
C LYS D 66 8.32 -1.13 3.25
N SER D 67 8.68 0.07 2.81
CA SER D 67 9.55 0.25 1.66
C SER D 67 10.69 1.21 1.95
N TRP D 68 11.85 0.91 1.39
CA TRP D 68 13.02 1.78 1.47
C TRP D 68 13.43 2.15 0.06
N TRP D 69 13.38 3.45 -0.23
CA TRP D 69 13.52 3.97 -1.59
C TRP D 69 14.70 4.95 -1.72
N GLN D 70 15.67 4.58 -2.55
CA GLN D 70 16.88 5.39 -2.78
C GLN D 70 16.57 6.58 -3.66
N LEU D 71 15.76 7.50 -3.15
CA LEU D 71 15.26 8.62 -3.93
C LEU D 71 16.35 9.53 -4.53
N SER D 72 17.37 9.87 -3.76
CA SER D 72 18.41 10.77 -4.21
C SER D 72 19.41 10.12 -5.19
N ASN D 73 19.36 8.80 -5.29
CA ASN D 73 20.35 8.09 -6.08
C ASN D 73 20.01 8.09 -7.57
N SER D 74 19.95 9.28 -8.15
CA SER D 74 19.59 9.44 -9.56
C SER D 74 20.58 8.71 -10.47
N GLU D 75 21.85 8.66 -10.06
CA GLU D 75 22.88 7.95 -10.81
C GLU D 75 22.49 6.49 -11.10
N GLU D 76 21.71 5.89 -10.21
CA GLU D 76 21.22 4.52 -10.39
C GLU D 76 19.70 4.45 -10.67
N SER D 77 19.12 5.55 -11.13
CA SER D 77 17.67 5.63 -11.36
C SER D 77 16.81 5.43 -10.10
N SER D 78 17.27 5.97 -8.96
CA SER D 78 16.55 5.94 -7.67
C SER D 78 15.74 4.65 -7.43
N PRO D 79 16.42 3.51 -7.27
CA PRO D 79 15.68 2.26 -7.13
C PRO D 79 15.15 2.04 -5.73
N PHE D 80 14.18 1.15 -5.62
CA PHE D 80 13.77 0.65 -4.30
C PHE D 80 14.84 -0.34 -3.86
N ARG D 81 15.36 -0.14 -2.66
CA ARG D 81 16.36 -1.04 -2.15
C ARG D 81 15.71 -2.31 -1.58
N GLU D 82 14.54 -2.13 -0.95
CA GLU D 82 13.89 -3.21 -0.24
C GLU D 82 12.44 -2.87 0.04
N THR D 83 11.56 -3.86 -0.11
CA THR D 83 10.19 -3.75 0.38
C THR D 83 9.90 -5.00 1.20
N ASN D 84 9.20 -4.82 2.32
CA ASN D 84 8.71 -5.96 3.06
C ASN D 84 7.19 -5.99 2.98
N TYR D 85 6.64 -7.15 2.65
CA TYR D 85 5.20 -7.32 2.48
C TYR D 85 4.68 -8.22 3.58
N GLU D 86 3.80 -7.69 4.42
CA GLU D 86 3.35 -8.45 5.59
C GLU D 86 1.83 -8.66 5.68
N PRO D 87 1.31 -9.67 4.97
CA PRO D 87 -0.12 -9.99 5.06
C PRO D 87 -0.42 -10.83 6.31
N GLN D 88 -1.60 -10.66 6.89
CA GLN D 88 -2.01 -11.39 8.09
C GLN D 88 -3.46 -11.88 7.98
N LEU D 89 -3.76 -12.98 8.65
CA LEU D 89 -5.13 -13.49 8.75
C LEU D 89 -5.31 -13.78 10.23
N PHE D 90 -6.37 -13.26 10.82
CA PHE D 90 -6.52 -13.37 12.26
C PHE D 90 -7.96 -13.39 12.74
N LEU D 91 -8.11 -13.82 13.99
CA LEU D 91 -9.38 -13.79 14.68
C LEU D 91 -9.15 -12.78 15.79
N GLY D 92 -9.96 -11.73 15.83
CA GLY D 92 -9.78 -10.70 16.83
C GLY D 92 -10.97 -10.55 17.75
N PHE D 93 -10.69 -10.16 18.99
CA PHE D 93 -11.73 -9.93 19.99
C PHE D 93 -11.52 -8.60 20.69
N ALA D 94 -12.58 -7.81 20.79
CA ALA D 94 -12.61 -6.59 21.60
C ALA D 94 -12.98 -6.98 23.02
N THR D 95 -12.08 -6.72 23.97
CA THR D 95 -12.28 -7.16 25.34
C THR D 95 -12.33 -6.00 26.33
N ASP D 96 -12.69 -6.29 27.57
CA ASP D 96 -12.82 -5.28 28.62
C ASP D 96 -12.25 -5.79 29.94
N TYR D 97 -11.38 -6.79 29.82
CA TYR D 97 -10.71 -7.43 30.95
C TYR D 97 -9.90 -6.37 31.72
N ARG D 98 -10.26 -6.15 32.98
CA ARG D 98 -9.55 -5.21 33.83
C ARG D 98 -8.64 -5.95 34.83
N PHE D 99 -7.39 -5.51 34.94
CA PHE D 99 -6.42 -6.19 35.78
C PHE D 99 -5.31 -5.22 36.16
N ALA D 100 -5.22 -4.93 37.46
CA ALA D 100 -4.25 -3.99 38.02
C ALA D 100 -4.27 -2.62 37.34
N GLY D 101 -5.47 -2.09 37.08
CA GLY D 101 -5.58 -0.79 36.44
C GLY D 101 -5.43 -0.83 34.93
N TRP D 102 -4.89 -1.95 34.41
CA TRP D 102 -4.73 -2.14 32.98
C TRP D 102 -5.93 -2.85 32.34
N THR D 103 -6.54 -2.21 31.34
CA THR D 103 -7.69 -2.79 30.63
C THR D 103 -7.26 -3.45 29.33
N LEU D 104 -7.31 -4.78 29.29
CA LEU D 104 -7.02 -5.54 28.07
C LEU D 104 -8.14 -5.22 27.10
N ARG D 105 -7.77 -4.65 25.95
CA ARG D 105 -8.73 -4.18 24.96
C ARG D 105 -8.79 -5.02 23.71
N ASP D 106 -7.64 -5.54 23.29
CA ASP D 106 -7.56 -6.34 22.08
C ASP D 106 -6.91 -7.68 22.35
N VAL D 107 -7.54 -8.73 21.84
CA VAL D 107 -6.93 -10.05 21.81
C VAL D 107 -7.06 -10.56 20.39
N GLU D 108 -5.93 -10.88 19.79
CA GLU D 108 -5.87 -11.22 18.37
C GLU D 108 -4.97 -12.44 18.20
N MET D 109 -5.42 -13.43 17.43
CA MET D 109 -4.61 -14.61 17.14
C MET D 109 -4.65 -14.85 15.65
N GLY D 110 -3.50 -15.10 15.05
CA GLY D 110 -3.49 -15.35 13.63
C GLY D 110 -2.20 -15.85 13.03
N TYR D 111 -2.15 -15.77 11.69
CA TYR D 111 -1.02 -16.24 10.88
C TYR D 111 -0.45 -15.04 10.13
N ASN D 112 0.87 -14.95 10.12
CA ASN D 112 1.61 -13.82 9.56
C ASN D 112 2.64 -14.33 8.58
N HIS D 113 2.70 -13.73 7.39
CA HIS D 113 3.76 -14.01 6.45
C HIS D 113 4.47 -12.70 6.23
N ASP D 114 5.79 -12.74 6.23
CA ASP D 114 6.59 -11.54 6.06
C ASP D 114 7.66 -11.89 5.04
N SER D 115 7.53 -11.32 3.84
CA SER D 115 8.48 -11.60 2.77
C SER D 115 8.94 -10.33 2.09
N ASN D 116 9.96 -10.44 1.24
CA ASN D 116 10.51 -9.26 0.58
C ASN D 116 10.34 -9.22 -0.93
N GLY D 117 9.61 -10.20 -1.46
CA GLY D 117 9.31 -10.26 -2.88
C GLY D 117 10.48 -10.46 -3.84
N ARG D 118 11.62 -10.91 -3.33
CA ARG D 118 12.79 -11.07 -4.18
C ARG D 118 13.06 -12.53 -4.51
N SER D 119 13.73 -12.76 -5.63
CA SER D 119 14.23 -14.09 -5.96
C SER D 119 15.55 -14.24 -5.23
N ASP D 120 16.13 -15.44 -5.28
CA ASP D 120 17.47 -15.64 -4.72
C ASP D 120 18.48 -14.82 -5.53
N PRO D 121 19.60 -14.43 -4.91
CA PRO D 121 20.01 -14.74 -3.54
C PRO D 121 19.51 -13.74 -2.51
N THR D 122 18.73 -12.73 -2.91
CA THR D 122 18.28 -11.74 -1.93
C THR D 122 16.89 -12.00 -1.35
N SER D 123 16.36 -13.18 -1.62
CA SER D 123 15.07 -13.60 -1.07
C SER D 123 15.12 -13.75 0.45
N ARG D 124 14.09 -13.24 1.12
CA ARG D 124 14.00 -13.29 2.57
C ARG D 124 12.54 -13.56 2.92
N SER D 125 12.29 -14.42 3.92
CA SER D 125 10.90 -14.70 4.34
C SER D 125 10.78 -15.61 5.55
N TRP D 126 9.69 -15.40 6.28
CA TRP D 126 9.33 -16.31 7.35
C TRP D 126 7.85 -16.28 7.62
N ASN D 127 7.36 -17.32 8.30
CA ASN D 127 5.95 -17.48 8.62
C ASN D 127 5.84 -17.60 10.12
N ARG D 128 4.85 -16.93 10.70
CA ARG D 128 4.66 -16.96 12.15
C ARG D 128 3.19 -17.13 12.53
N LEU D 129 2.97 -17.89 13.61
CA LEU D 129 1.68 -17.90 14.27
C LEU D 129 1.87 -16.98 15.47
N TYR D 130 0.98 -16.01 15.64
CA TYR D 130 1.16 -15.05 16.71
C TYR D 130 -0.11 -14.79 17.47
N THR D 131 0.06 -14.08 18.58
CA THR D 131 -1.05 -13.50 19.31
C THR D 131 -0.66 -12.06 19.58
N ARG D 132 -1.58 -11.15 19.32
CA ARG D 132 -1.36 -9.75 19.66
C ARG D 132 -2.32 -9.41 20.79
N LEU D 133 -1.76 -8.89 21.89
CA LEU D 133 -2.55 -8.49 23.05
C LEU D 133 -2.31 -7.01 23.35
N MET D 134 -3.37 -6.22 23.36
CA MET D 134 -3.25 -4.79 23.66
C MET D 134 -4.01 -4.39 24.93
N ALA D 135 -3.33 -3.67 25.81
CA ALA D 135 -3.91 -3.16 27.04
C ALA D 135 -3.62 -1.66 27.21
N GLU D 136 -4.49 -0.97 27.94
CA GLU D 136 -4.36 0.46 28.17
C GLU D 136 -4.49 0.82 29.66
N ASN D 137 -4.03 2.01 30.02
CA ASN D 137 -4.13 2.52 31.39
C ASN D 137 -3.85 4.02 31.33
N GLY D 138 -4.91 4.82 31.37
CA GLY D 138 -4.75 6.26 31.32
C GLY D 138 -4.10 6.70 30.01
N ASN D 139 -2.93 7.33 30.10
CA ASN D 139 -2.24 7.81 28.92
C ASN D 139 -1.35 6.77 28.28
N TRP D 140 -1.37 5.55 28.83
CA TRP D 140 -0.51 4.47 28.35
C TRP D 140 -1.22 3.45 27.47
N LEU D 141 -0.44 2.85 26.57
CA LEU D 141 -0.89 1.72 25.77
C LEU D 141 0.29 0.77 25.71
N VAL D 142 0.05 -0.51 25.92
CA VAL D 142 1.10 -1.52 25.81
C VAL D 142 0.58 -2.67 24.95
N GLU D 143 1.39 -3.10 24.00
CA GLU D 143 1.03 -4.21 23.13
C GLU D 143 2.14 -5.24 23.12
N VAL D 144 1.80 -6.50 23.40
CA VAL D 144 2.75 -7.60 23.26
C VAL D 144 2.30 -8.51 22.14
N LYS D 145 3.24 -8.85 21.26
CA LYS D 145 2.95 -9.72 20.12
C LYS D 145 3.92 -10.89 20.08
N PRO D 146 3.65 -11.96 20.84
CA PRO D 146 4.53 -13.14 20.80
C PRO D 146 4.23 -14.00 19.60
N TRP D 147 5.21 -14.73 19.11
CA TRP D 147 4.98 -15.57 17.94
C TRP D 147 5.73 -16.89 17.95
N TYR D 148 5.30 -17.77 17.04
CA TYR D 148 5.91 -19.07 16.83
C TYR D 148 6.20 -19.21 15.35
N VAL D 149 7.48 -19.30 15.00
CA VAL D 149 7.87 -19.50 13.61
C VAL D 149 7.47 -20.89 13.18
N VAL D 150 6.79 -20.97 12.04
CA VAL D 150 6.38 -22.26 11.46
C VAL D 150 6.87 -22.33 10.01
N GLY D 151 6.98 -23.55 9.48
CA GLY D 151 7.39 -23.71 8.09
C GLY D 151 8.88 -23.50 7.84
N ASN D 152 9.27 -23.43 6.57
CA ASN D 152 10.67 -23.28 6.23
C ASN D 152 11.10 -21.82 6.36
N THR D 153 12.38 -21.63 6.69
CA THR D 153 12.97 -20.31 6.78
C THR D 153 14.31 -20.35 6.06
N ASP D 154 14.38 -21.15 5.00
CA ASP D 154 15.63 -21.45 4.31
C ASP D 154 16.36 -20.24 3.70
N ASP D 155 15.64 -19.13 3.52
CA ASP D 155 16.24 -17.88 3.03
C ASP D 155 16.99 -17.12 4.12
N ASN D 156 16.66 -17.42 5.37
CA ASN D 156 17.23 -16.75 6.55
C ASN D 156 16.94 -17.66 7.75
N PRO D 157 17.55 -18.85 7.77
CA PRO D 157 17.35 -19.91 8.77
C PRO D 157 17.74 -19.48 10.19
N ASP D 158 18.55 -18.44 10.33
CA ASP D 158 18.95 -17.96 11.65
C ASP D 158 18.26 -16.64 12.06
N ILE D 159 17.10 -16.39 11.45
CA ILE D 159 16.37 -15.15 11.68
C ILE D 159 15.94 -14.92 13.13
N THR D 160 15.44 -15.96 13.80
CA THR D 160 14.99 -15.84 15.20
C THR D 160 16.12 -15.41 16.14
N LYS D 161 17.35 -15.64 15.71
CA LYS D 161 18.51 -15.17 16.46
C LYS D 161 18.49 -13.64 16.58
N TYR D 162 17.98 -12.97 15.54
CA TYR D 162 17.99 -11.51 15.49
C TYR D 162 16.65 -10.86 15.80
N MET D 163 15.58 -11.56 15.46
CA MET D 163 14.21 -11.06 15.66
C MET D 163 13.58 -11.49 16.98
N GLY D 164 14.08 -12.58 17.56
CA GLY D 164 13.50 -13.09 18.79
C GLY D 164 12.13 -13.72 18.56
N TYR D 165 11.33 -13.80 19.63
CA TYR D 165 10.02 -14.46 19.58
C TYR D 165 8.83 -13.58 19.97
N TYR D 166 9.05 -12.28 20.10
CA TYR D 166 7.98 -11.36 20.47
C TYR D 166 8.32 -9.93 20.06
N GLN D 167 7.30 -9.11 19.92
CA GLN D 167 7.48 -7.68 19.70
C GLN D 167 6.72 -6.91 20.76
N LEU D 168 7.38 -5.95 21.38
CA LEU D 168 6.75 -5.16 22.43
C LEU D 168 6.54 -3.75 21.93
N LYS D 169 5.37 -3.19 22.20
CA LYS D 169 5.03 -1.86 21.74
C LYS D 169 4.47 -1.07 22.92
N ILE D 170 5.00 0.14 23.09
CA ILE D 170 4.56 1.04 24.15
C ILE D 170 4.20 2.40 23.57
N GLY D 171 2.99 2.86 23.87
CA GLY D 171 2.58 4.19 23.46
C GLY D 171 2.28 5.08 24.65
N TYR D 172 2.59 6.36 24.53
CA TYR D 172 2.27 7.31 25.58
C TYR D 172 1.65 8.57 24.99
N HIS D 173 0.45 8.94 25.47
CA HIS D 173 -0.25 10.12 25.00
C HIS D 173 0.03 11.33 25.91
N LEU D 174 0.90 12.22 25.44
CA LEU D 174 1.24 13.46 26.14
C LEU D 174 0.53 14.61 25.41
N GLY D 175 -0.69 14.93 25.85
CA GLY D 175 -1.50 15.90 25.14
C GLY D 175 -1.88 15.29 23.81
N ASP D 176 -1.63 16.01 22.73
CA ASP D 176 -1.90 15.49 21.39
C ASP D 176 -0.71 14.69 20.87
N ALA D 177 0.42 14.83 21.54
CA ALA D 177 1.64 14.14 21.15
C ALA D 177 1.56 12.67 21.51
N VAL D 178 2.21 11.85 20.70
CA VAL D 178 2.28 10.41 20.96
C VAL D 178 3.73 9.98 20.88
N LEU D 179 4.24 9.50 22.00
CA LEU D 179 5.57 8.92 22.09
C LEU D 179 5.36 7.42 21.94
N SER D 180 6.19 6.79 21.12
CA SER D 180 6.06 5.37 20.87
C SER D 180 7.40 4.67 20.86
N ALA D 181 7.36 3.41 21.26
CA ALA D 181 8.53 2.56 21.28
C ALA D 181 8.09 1.18 20.83
N LYS D 182 8.83 0.61 19.90
CA LYS D 182 8.51 -0.67 19.29
C LYS D 182 9.81 -1.47 19.25
N GLY D 183 9.81 -2.67 19.81
CA GLY D 183 11.04 -3.43 19.90
C GLY D 183 10.95 -4.94 20.02
N GLN D 184 12.11 -5.55 19.82
CA GLN D 184 12.26 -7.00 19.88
C GLN D 184 13.61 -7.24 20.51
N TYR D 185 13.77 -8.39 21.14
CA TYR D 185 15.03 -8.71 21.79
C TYR D 185 15.09 -10.20 22.11
N ASN D 186 16.16 -10.86 21.67
CA ASN D 186 16.37 -12.25 22.04
C ASN D 186 17.41 -12.28 23.17
N TRP D 187 16.96 -12.67 24.36
CA TRP D 187 17.80 -12.70 25.55
C TRP D 187 18.87 -13.79 25.46
N ASN D 188 18.57 -14.82 24.69
CA ASN D 188 19.46 -15.97 24.52
C ASN D 188 20.63 -15.68 23.57
N THR D 189 20.52 -14.61 22.78
CA THR D 189 21.56 -14.25 21.83
C THR D 189 22.11 -12.84 22.04
N GLY D 190 21.36 -12.02 22.77
CA GLY D 190 21.70 -10.62 22.94
C GLY D 190 21.39 -9.74 21.73
N TYR D 191 20.63 -10.26 20.77
CA TYR D 191 20.30 -9.48 19.58
C TYR D 191 18.90 -8.87 19.66
N GLY D 192 18.77 -7.65 19.15
CA GLY D 192 17.47 -6.99 19.13
C GLY D 192 17.47 -5.67 18.36
N GLY D 193 16.36 -4.97 18.44
CA GLY D 193 16.24 -3.70 17.74
C GLY D 193 15.09 -2.90 18.32
N ALA D 194 15.18 -1.59 18.21
CA ALA D 194 14.18 -0.71 18.79
C ALA D 194 13.85 0.45 17.86
N GLU D 195 12.58 0.86 17.86
CA GLU D 195 12.11 1.95 17.04
C GLU D 195 11.38 2.93 17.94
N LEU D 196 11.97 4.10 18.15
CA LEU D 196 11.35 5.15 18.95
C LEU D 196 10.70 6.18 18.01
N GLY D 197 9.52 6.66 18.37
CA GLY D 197 8.87 7.65 17.54
C GLY D 197 8.24 8.77 18.32
N LEU D 198 8.02 9.88 17.65
CA LEU D 198 7.32 11.02 18.22
C LEU D 198 6.46 11.65 17.12
N SER D 199 5.17 11.79 17.38
CA SER D 199 4.30 12.43 16.40
C SER D 199 3.41 13.50 17.03
N TYR D 200 3.02 14.47 16.21
CA TYR D 200 2.14 15.53 16.67
C TYR D 200 1.25 15.97 15.53
N PRO D 201 -0.05 16.15 15.81
CA PRO D 201 -0.99 16.56 14.76
C PRO D 201 -0.68 17.94 14.23
N ILE D 202 -0.63 18.07 12.91
CA ILE D 202 -0.63 19.37 12.26
C ILE D 202 -2.07 19.65 11.81
N THR D 203 -2.83 18.59 11.61
CA THR D 203 -4.25 18.65 11.24
C THR D 203 -4.93 17.42 11.83
N LYS D 204 -6.18 17.18 11.45
CA LYS D 204 -6.98 16.09 12.03
C LYS D 204 -6.61 14.72 11.47
N HIS D 205 -5.96 14.71 10.32
CA HIS D 205 -5.53 13.47 9.67
C HIS D 205 -4.05 13.46 9.28
N VAL D 206 -3.35 14.55 9.52
CA VAL D 206 -1.93 14.62 9.20
C VAL D 206 -1.11 14.96 10.43
N ARG D 207 -0.06 14.19 10.66
CA ARG D 207 0.78 14.37 11.83
C ARG D 207 2.24 14.50 11.40
N LEU D 208 2.97 15.38 12.08
CA LEU D 208 4.43 15.44 11.97
C LEU D 208 5.00 14.23 12.72
N TYR D 209 6.01 13.59 12.15
CA TYR D 209 6.53 12.35 12.73
C TYR D 209 8.04 12.25 12.59
N THR D 210 8.69 11.89 13.70
CA THR D 210 10.13 11.67 13.72
C THR D 210 10.35 10.25 14.23
N GLN D 211 11.27 9.53 13.61
CA GLN D 211 11.54 8.15 13.99
C GLN D 211 13.03 7.89 14.13
N VAL D 212 13.40 7.11 15.15
CA VAL D 212 14.77 6.64 15.30
C VAL D 212 14.69 5.13 15.45
N TYR D 213 15.38 4.40 14.56
CA TYR D 213 15.49 2.95 14.67
C TYR D 213 16.94 2.60 15.00
N SER D 214 17.14 1.65 15.91
CA SER D 214 18.49 1.17 16.19
C SER D 214 18.53 -0.32 16.52
N GLY D 215 19.45 -1.01 15.87
CA GLY D 215 19.59 -2.43 16.10
C GLY D 215 19.43 -3.27 14.86
N TYR D 216 19.05 -4.52 15.08
CA TYR D 216 18.94 -5.51 14.02
C TYR D 216 17.51 -5.66 13.52
N GLY D 217 17.36 -6.18 12.30
CA GLY D 217 16.07 -6.55 11.80
C GLY D 217 15.12 -5.40 11.46
N GLU D 218 15.66 -4.28 10.95
CA GLU D 218 14.82 -3.17 10.50
C GLU D 218 14.01 -3.60 9.27
N SER D 219 14.65 -4.39 8.41
CA SER D 219 14.02 -4.97 7.23
C SER D 219 14.55 -6.38 7.07
N LEU D 220 13.86 -7.19 6.27
CA LEU D 220 14.25 -8.58 6.07
C LEU D 220 15.67 -8.72 5.50
N ILE D 221 16.04 -7.87 4.55
CA ILE D 221 17.37 -7.92 3.97
C ILE D 221 18.45 -7.50 4.99
N ASP D 222 18.03 -6.85 6.07
CA ASP D 222 18.93 -6.39 7.14
C ASP D 222 18.58 -7.07 8.48
N TYR D 223 18.01 -8.27 8.42
CA TYR D 223 17.61 -8.95 9.65
C TYR D 223 18.82 -9.26 10.52
N ASN D 224 19.94 -9.57 9.88
CA ASN D 224 21.20 -9.89 10.55
C ASN D 224 22.22 -8.75 10.40
N PHE D 225 21.70 -7.53 10.24
CA PHE D 225 22.54 -6.37 10.05
C PHE D 225 22.12 -5.28 11.03
N ASN D 226 23.12 -4.67 11.67
CA ASN D 226 22.91 -3.64 12.67
C ASN D 226 23.11 -2.25 12.08
N GLN D 227 22.14 -1.36 12.31
CA GLN D 227 22.25 0.02 11.85
C GLN D 227 21.42 0.93 12.74
N THR D 228 21.71 2.22 12.68
CA THR D 228 20.88 3.23 13.35
C THR D 228 20.34 4.16 12.28
N ARG D 229 19.03 4.34 12.29
CA ARG D 229 18.38 5.14 11.27
C ARG D 229 17.53 6.24 11.89
N VAL D 230 17.65 7.45 11.37
CA VAL D 230 16.84 8.56 11.85
C VAL D 230 16.02 9.11 10.68
N GLY D 231 14.78 9.47 10.95
CA GLY D 231 13.93 9.99 9.89
C GLY D 231 12.86 10.96 10.36
N VAL D 232 12.45 11.84 9.46
CA VAL D 232 11.43 12.83 9.75
C VAL D 232 10.45 12.88 8.58
N GLY D 233 9.18 13.10 8.85
CA GLY D 233 8.21 13.22 7.78
C GLY D 233 6.79 13.37 8.28
N VAL D 234 5.85 12.68 7.64
CA VAL D 234 4.44 12.78 8.01
C VAL D 234 3.81 11.43 8.33
N MET D 235 2.67 11.47 9.02
CA MET D 235 1.98 10.28 9.48
C MET D 235 0.48 10.52 9.45
N LEU D 236 -0.27 9.47 9.14
CA LEU D 236 -1.73 9.59 9.13
C LEU D 236 -2.25 9.28 10.51
N ASN D 237 -2.03 8.04 10.94
CA ASN D 237 -2.45 7.54 12.23
C ASN D 237 -1.24 7.04 12.99
N ASP D 238 -1.16 7.38 14.27
CA ASP D 238 -0.15 6.82 15.14
C ASP D 238 -0.77 5.64 15.89
N LEU D 239 -0.05 5.14 16.89
CA LEU D 239 -0.46 3.99 17.72
C LEU D 239 -1.86 4.16 18.32
N PHE D 240 -2.13 5.36 18.82
CA PHE D 240 -3.45 5.73 19.32
C PHE D 240 -3.58 7.25 19.40
#